data_7ZGB
#
_entry.id   7ZGB
#
_cell.length_a   88.717
_cell.length_b   88.717
_cell.length_c   99.100
_cell.angle_alpha   90.00
_cell.angle_beta   90.00
_cell.angle_gamma   120.00
#
_symmetry.space_group_name_H-M   'P 32 2 1'
#
loop_
_entity.id
_entity.type
_entity.pdbx_description
1 polymer 'SEC14 cytosolic factor'
2 non-polymer 4-fluoranyl-~{N}-[(4-pyrrolidin-1-ylphenyl)methyl]benzamide
#
_entity_poly.entity_id   1
_entity_poly.type   'polypeptide(L)'
_entity_poly.pdbx_seq_one_letter_code
;QQEKEFLESYPQNCPPDALPGTPGNLDSAQEKALAELRKLLEDAGFIERLDDSTLLRFLRARKFDVQLAKEMFENCEKWR
KDYGTDTILQDFHYDEKPLIAKFYPQYYHKTDKDGRPVYFEELGAVNLHEMNKVTSEERMLKNLVWEYESVVQYRLPACS
RAAGHLVETSCTIMDLKGISISSAYSVMSYVREASYISQNYYPERMGKFYIINAPFGFSTAFRLFKPFLDPVTVSKIFIL
GSSYQKELLKQIPAENLPVKFGGKSEVDESKGGLYLSDIGPWRDPKYIGPEGEAPE
;
_entity_poly.pdbx_strand_id   A
#
# COMPACT_ATOMS: atom_id res chain seq x y z
N GLN A 1 -27.12 10.30 4.55
CA GLN A 1 -25.72 10.24 4.95
C GLN A 1 -24.92 9.61 3.81
N GLN A 2 -24.32 10.44 2.97
CA GLN A 2 -23.60 9.94 1.80
C GLN A 2 -22.36 9.12 2.17
N GLU A 3 -21.71 9.38 3.32
CA GLU A 3 -20.64 8.48 3.73
C GLU A 3 -21.11 7.03 3.72
N LYS A 4 -22.33 6.79 4.22
CA LYS A 4 -22.91 5.44 4.23
C LYS A 4 -23.02 4.87 2.82
N GLU A 5 -23.54 5.67 1.89
CA GLU A 5 -23.65 5.24 0.49
C GLU A 5 -22.34 4.71 -0.05
N PHE A 6 -21.22 5.17 0.51
CA PHE A 6 -19.92 4.82 -0.03
C PHE A 6 -19.47 3.43 0.40
N LEU A 7 -19.80 2.99 1.62
CA LEU A 7 -19.39 1.65 2.04
C LEU A 7 -20.29 0.55 1.47
N GLU A 8 -21.46 0.90 0.94
CA GLU A 8 -22.25 -0.04 0.17
C GLU A 8 -21.90 -0.06 -1.32
N SER A 9 -20.95 0.80 -1.77
CA SER A 9 -20.60 0.80 -3.18
C SER A 9 -19.76 -0.39 -3.61
N TYR A 10 -19.11 -1.08 -2.69
CA TYR A 10 -18.15 -2.10 -3.02
C TYR A 10 -18.24 -3.24 -2.00
N PRO A 11 -17.84 -4.48 -2.42
CA PRO A 11 -17.93 -5.66 -1.52
C PRO A 11 -17.31 -5.44 -0.14
N GLN A 12 -18.01 -5.86 0.92
CA GLN A 12 -17.60 -5.56 2.29
C GLN A 12 -16.88 -6.69 3.00
N ASN A 13 -16.86 -7.91 2.46
CA ASN A 13 -16.22 -9.05 3.12
C ASN A 13 -14.91 -9.44 2.43
N CYS A 14 -13.87 -9.65 3.24
CA CYS A 14 -12.69 -10.32 2.76
C CYS A 14 -13.02 -11.77 2.42
N PRO A 15 -12.26 -12.40 1.53
CA PRO A 15 -12.59 -13.78 1.12
C PRO A 15 -12.57 -14.73 2.31
N PRO A 16 -13.23 -15.88 2.21
CA PRO A 16 -13.34 -16.72 3.40
C PRO A 16 -12.02 -17.41 3.79
N ASP A 17 -11.13 -17.70 2.84
CA ASP A 17 -9.81 -18.22 3.19
C ASP A 17 -8.79 -17.11 3.58
N ALA A 18 -9.26 -15.93 3.98
CA ALA A 18 -8.39 -14.86 4.44
C ALA A 18 -8.08 -15.00 5.92
N LEU A 19 -7.00 -14.32 6.33
CA LEU A 19 -6.48 -14.47 7.67
C LEU A 19 -7.52 -14.09 8.71
N PRO A 20 -7.37 -14.56 9.95
CA PRO A 20 -8.43 -14.36 10.94
C PRO A 20 -8.49 -12.92 11.43
N GLY A 21 -9.67 -12.53 11.89
CA GLY A 21 -9.89 -11.16 12.30
C GLY A 21 -10.09 -10.18 11.17
N THR A 22 -10.29 -10.69 9.88
CA THR A 22 -10.53 -9.85 8.70
C THR A 22 -12.02 -9.81 8.37
N PRO A 23 -12.53 -8.64 7.87
CA PRO A 23 -13.98 -8.45 7.66
C PRO A 23 -14.69 -9.64 7.01
N GLY A 24 -15.80 -10.06 7.63
CA GLY A 24 -16.51 -11.25 7.22
C GLY A 24 -16.05 -12.55 7.87
N ASN A 25 -14.86 -12.56 8.50
CA ASN A 25 -14.30 -13.80 9.03
C ASN A 25 -14.02 -13.73 10.55
N LEU A 26 -14.88 -13.02 11.28
CA LEU A 26 -14.69 -12.71 12.70
C LEU A 26 -15.32 -13.75 13.63
N ASP A 27 -14.52 -14.30 14.56
CA ASP A 27 -15.02 -15.03 15.72
C ASP A 27 -15.74 -14.08 16.68
N SER A 28 -16.39 -14.67 17.69
CA SER A 28 -17.17 -13.88 18.66
C SER A 28 -16.29 -12.87 19.40
N ALA A 29 -15.17 -13.35 19.97
CA ALA A 29 -14.20 -12.48 20.62
C ALA A 29 -13.92 -11.24 19.76
N GLN A 30 -13.41 -11.47 18.55
CA GLN A 30 -13.08 -10.38 17.63
C GLN A 30 -14.26 -9.44 17.44
N GLU A 31 -15.47 -9.99 17.30
CA GLU A 31 -16.67 -9.16 17.14
C GLU A 31 -16.87 -8.26 18.36
N LYS A 32 -16.72 -8.83 19.56
CA LYS A 32 -16.97 -8.08 20.78
C LYS A 32 -15.90 -7.01 20.98
N ALA A 33 -14.63 -7.39 20.80
CA ALA A 33 -13.53 -6.44 20.70
C ALA A 33 -13.88 -5.25 19.81
N LEU A 34 -14.39 -5.50 18.59
CA LEU A 34 -14.70 -4.40 17.67
C LEU A 34 -15.83 -3.53 18.20
N ALA A 35 -16.92 -4.15 18.68
CA ALA A 35 -18.09 -3.39 19.11
C ALA A 35 -17.73 -2.44 20.24
N GLU A 36 -17.03 -2.97 21.26
CA GLU A 36 -16.68 -2.16 22.44
C GLU A 36 -15.36 -1.40 22.31
N LEU A 37 -14.72 -1.50 21.16
CA LEU A 37 -13.60 -0.57 20.89
C LEU A 37 -14.26 0.63 20.22
N ARG A 38 -15.08 0.36 19.20
CA ARG A 38 -15.81 1.45 18.49
C ARG A 38 -16.46 2.34 19.54
N LYS A 39 -17.00 1.72 20.60
CA LYS A 39 -17.64 2.49 21.69
C LYS A 39 -16.63 3.50 22.24
N LEU A 40 -15.50 3.03 22.76
CA LEU A 40 -14.49 3.94 23.38
C LEU A 40 -14.18 5.10 22.44
N LEU A 41 -13.95 4.82 21.15
CA LEU A 41 -13.56 5.89 20.21
C LEU A 41 -14.73 6.83 19.98
N GLU A 42 -15.91 6.29 19.64
CA GLU A 42 -17.12 7.12 19.44
C GLU A 42 -17.35 7.99 20.68
N ASP A 43 -17.09 7.44 21.87
CA ASP A 43 -17.22 8.22 23.13
C ASP A 43 -16.26 9.41 23.08
N ALA A 44 -16.79 10.63 23.20
CA ALA A 44 -15.96 11.86 23.19
C ALA A 44 -15.18 12.29 21.95
N GLY A 45 -15.84 12.30 20.79
CA GLY A 45 -15.19 12.78 19.54
C GLY A 45 -15.11 11.53 18.68
N PHE A 46 -14.38 11.59 17.56
CA PHE A 46 -14.22 10.44 16.64
C PHE A 46 -15.56 10.09 16.00
N ILE A 47 -15.79 10.61 14.79
CA ILE A 47 -17.06 10.32 14.05
C ILE A 47 -16.82 9.71 12.67
N GLU A 48 -15.58 9.74 12.19
CA GLU A 48 -15.27 9.24 10.83
C GLU A 48 -14.16 8.21 11.04
N ARG A 49 -13.90 7.42 10.00
CA ARG A 49 -12.88 6.37 10.05
C ARG A 49 -13.20 5.46 11.22
N LEU A 50 -14.47 5.27 11.53
CA LEU A 50 -14.88 4.33 12.59
C LEU A 50 -15.57 3.14 11.93
N ASP A 51 -15.26 2.90 10.67
CA ASP A 51 -15.85 1.79 9.93
C ASP A 51 -15.18 0.50 10.32
N ASP A 52 -15.79 -0.61 9.98
CA ASP A 52 -15.25 -1.90 10.43
C ASP A 52 -13.83 -2.13 9.93
N SER A 53 -13.58 -1.99 8.64
CA SER A 53 -12.25 -2.33 8.11
C SER A 53 -11.24 -1.49 8.86
N THR A 54 -11.50 -0.20 8.98
CA THR A 54 -10.50 0.69 9.59
C THR A 54 -10.13 0.14 10.95
N LEU A 55 -11.11 -0.13 11.79
CA LEU A 55 -10.83 -0.55 13.17
C LEU A 55 -10.28 -1.97 13.20
N LEU A 56 -10.78 -2.86 12.39
CA LEU A 56 -10.31 -4.25 12.52
C LEU A 56 -8.85 -4.33 12.09
N ARG A 57 -8.34 -3.30 11.46
CA ARG A 57 -6.96 -3.36 10.95
C ARG A 57 -6.11 -2.91 12.11
N PHE A 58 -6.56 -1.86 12.76
CA PHE A 58 -5.81 -1.36 13.92
C PHE A 58 -5.74 -2.52 14.90
N LEU A 59 -6.85 -3.18 15.09
CA LEU A 59 -6.82 -4.21 16.12
C LEU A 59 -5.90 -5.29 15.64
N ARG A 60 -5.96 -5.60 14.38
CA ARG A 60 -5.16 -6.75 13.94
C ARG A 60 -3.69 -6.43 14.12
N ALA A 61 -3.37 -5.15 14.29
CA ALA A 61 -1.97 -4.75 14.41
C ALA A 61 -1.54 -4.88 15.86
N ARG A 62 -2.41 -4.52 16.78
CA ARG A 62 -2.12 -4.60 18.22
C ARG A 62 -2.69 -5.91 18.75
N LYS A 63 -2.66 -6.95 17.93
CA LYS A 63 -3.15 -8.30 18.30
C LYS A 63 -4.42 -8.30 19.15
N PHE A 64 -5.31 -7.36 18.90
CA PHE A 64 -6.51 -7.43 19.52
C PHE A 64 -6.41 -6.86 20.93
N ASP A 65 -5.68 -5.77 21.08
CA ASP A 65 -5.49 -5.27 22.45
C ASP A 65 -6.40 -3.94 22.34
N VAL A 66 -7.70 -4.03 22.54
CA VAL A 66 -8.57 -2.85 22.39
C VAL A 66 -7.88 -1.63 22.98
N GLN A 67 -7.22 -1.80 24.09
CA GLN A 67 -6.69 -0.58 24.74
C GLN A 67 -5.58 0.00 23.88
N LEU A 68 -4.63 -0.84 23.51
CA LEU A 68 -3.47 -0.33 22.75
C LEU A 68 -3.99 0.26 21.45
N ALA A 69 -4.94 -0.41 20.83
CA ALA A 69 -5.44 0.01 19.51
C ALA A 69 -6.14 1.36 19.61
N LYS A 70 -6.85 1.54 20.69
CA LYS A 70 -7.55 2.82 20.88
C LYS A 70 -6.54 3.92 20.68
N GLU A 71 -5.29 3.66 20.99
CA GLU A 71 -4.28 4.74 20.95
C GLU A 71 -3.69 4.89 19.56
N MET A 72 -3.42 3.77 18.92
CA MET A 72 -2.87 3.82 17.55
C MET A 72 -3.85 4.68 16.77
N PHE A 73 -5.12 4.54 17.10
CA PHE A 73 -6.12 5.32 16.36
C PHE A 73 -5.95 6.74 16.80
N GLU A 74 -5.67 6.92 18.07
CA GLU A 74 -5.63 8.29 18.54
C GLU A 74 -4.40 9.01 17.98
N ASN A 75 -3.23 8.34 18.04
CA ASN A 75 -2.02 8.89 17.44
C ASN A 75 -2.18 9.09 15.94
N CYS A 76 -2.80 8.14 15.26
CA CYS A 76 -3.10 8.34 13.84
C CYS A 76 -3.93 9.59 13.60
N GLU A 77 -5.08 9.70 14.26
CA GLU A 77 -5.92 10.88 14.07
C GLU A 77 -5.19 12.15 14.49
N LYS A 78 -4.26 12.03 15.45
CA LYS A 78 -3.44 13.18 15.84
C LYS A 78 -2.49 13.58 14.72
N TRP A 79 -1.90 12.59 14.04
CA TRP A 79 -0.99 12.85 12.92
C TRP A 79 -1.76 13.42 11.72
N ARG A 80 -2.96 12.91 11.47
CA ARG A 80 -3.80 13.44 10.42
C ARG A 80 -4.15 14.92 10.67
N LYS A 81 -4.47 15.25 11.93
CA LYS A 81 -4.60 16.65 12.36
C LYS A 81 -3.44 17.50 11.83
N ASP A 82 -2.23 17.14 12.27
CA ASP A 82 -1.04 17.97 12.06
C ASP A 82 -0.61 17.95 10.59
N TYR A 83 -0.28 16.74 10.06
CA TYR A 83 0.17 16.60 8.68
C TYR A 83 -0.84 17.17 7.67
N GLY A 84 -2.10 17.28 8.07
CA GLY A 84 -3.11 17.83 7.18
C GLY A 84 -3.47 16.89 6.07
N THR A 85 -3.56 15.58 6.38
CA THR A 85 -3.63 14.54 5.37
C THR A 85 -5.06 14.29 4.87
N ASP A 86 -6.08 14.46 5.72
CA ASP A 86 -7.35 14.91 5.17
C ASP A 86 -7.01 16.16 4.34
N THR A 87 -7.57 16.26 3.14
CA THR A 87 -7.37 17.37 2.19
C THR A 87 -5.95 17.44 1.61
N ILE A 88 -5.06 16.48 1.93
CA ILE A 88 -3.77 16.44 1.24
C ILE A 88 -3.96 16.28 -0.28
N LEU A 89 -4.97 15.51 -0.71
CA LEU A 89 -5.14 15.32 -2.15
C LEU A 89 -5.45 16.65 -2.84
N GLN A 90 -6.07 17.57 -2.11
CA GLN A 90 -6.32 18.92 -2.63
C GLN A 90 -5.04 19.74 -2.65
N ASP A 91 -4.37 19.85 -1.50
CA ASP A 91 -3.35 20.87 -1.32
C ASP A 91 -2.06 20.53 -2.07
N PHE A 92 -1.52 19.33 -1.84
CA PHE A 92 -0.21 18.98 -2.37
C PHE A 92 -0.30 18.63 -3.84
N HIS A 93 0.70 19.07 -4.61
CA HIS A 93 0.75 18.86 -6.05
C HIS A 93 2.20 18.56 -6.40
N TYR A 94 2.44 17.31 -6.79
CA TYR A 94 3.81 16.83 -7.02
C TYR A 94 4.21 17.13 -8.46
N ASP A 95 4.33 18.43 -8.74
CA ASP A 95 4.56 18.90 -10.11
C ASP A 95 5.89 18.38 -10.69
N GLU A 96 6.89 18.12 -9.83
CA GLU A 96 8.22 17.70 -10.26
C GLU A 96 8.31 16.25 -10.73
N LYS A 97 7.23 15.47 -10.57
CA LYS A 97 7.29 14.04 -10.88
C LYS A 97 7.83 13.71 -12.27
N PRO A 98 7.44 14.41 -13.36
CA PRO A 98 8.02 14.09 -14.66
C PRO A 98 9.52 14.33 -14.73
N LEU A 99 10.02 15.28 -13.94
CA LEU A 99 11.44 15.57 -13.96
C LEU A 99 12.23 14.48 -13.23
N ILE A 100 11.70 13.99 -12.11
CA ILE A 100 12.43 13.09 -11.22
C ILE A 100 11.87 11.68 -11.19
N ALA A 101 10.88 11.34 -12.01
CA ALA A 101 10.36 9.96 -11.98
C ALA A 101 11.49 8.97 -12.22
N LYS A 102 12.41 9.28 -13.14
CA LYS A 102 13.45 8.32 -13.49
C LYS A 102 14.41 8.08 -12.33
N PHE A 103 14.60 9.07 -11.46
CA PHE A 103 15.59 8.92 -10.39
C PHE A 103 15.05 8.22 -9.13
N TYR A 104 13.75 7.85 -9.10
CA TYR A 104 13.12 7.02 -8.08
C TYR A 104 11.78 6.50 -8.57
N PRO A 105 11.78 5.55 -9.51
CA PRO A 105 10.53 5.03 -10.09
C PRO A 105 9.61 4.41 -9.05
N GLN A 106 8.48 5.06 -8.82
CA GLN A 106 7.39 4.50 -8.03
C GLN A 106 6.13 4.62 -8.86
N TYR A 107 5.41 3.52 -9.01
CA TYR A 107 4.21 3.57 -9.84
C TYR A 107 3.34 2.36 -9.57
N TYR A 108 2.04 2.61 -9.56
CA TYR A 108 1.07 1.53 -9.38
C TYR A 108 0.66 1.07 -10.76
N HIS A 109 0.55 -0.23 -10.97
CA HIS A 109 0.17 -0.76 -12.30
C HIS A 109 -0.64 -2.04 -12.16
N LYS A 110 -1.95 -1.92 -12.31
CA LYS A 110 -2.86 -3.08 -12.35
C LYS A 110 -3.06 -3.82 -11.05
N THR A 111 -3.53 -5.05 -11.15
CA THR A 111 -3.92 -5.80 -9.95
C THR A 111 -3.33 -7.20 -9.95
N ASP A 112 -3.17 -7.77 -8.77
CA ASP A 112 -2.62 -9.14 -8.61
C ASP A 112 -3.76 -10.13 -8.78
N LYS A 113 -3.44 -11.40 -8.64
CA LYS A 113 -4.50 -12.41 -8.87
C LYS A 113 -5.59 -12.37 -7.81
N ASP A 114 -5.36 -11.76 -6.64
CA ASP A 114 -6.39 -11.62 -5.61
C ASP A 114 -7.01 -10.23 -5.60
N GLY A 115 -6.72 -9.40 -6.60
CA GLY A 115 -7.31 -8.10 -6.69
C GLY A 115 -6.51 -6.95 -6.10
N ARG A 116 -5.35 -7.22 -5.51
CA ARG A 116 -4.59 -6.15 -4.86
C ARG A 116 -4.03 -5.18 -5.89
N PRO A 117 -4.05 -3.87 -5.60
CA PRO A 117 -3.19 -2.95 -6.33
C PRO A 117 -1.72 -3.38 -6.23
N VAL A 118 -1.08 -3.50 -7.37
CA VAL A 118 0.35 -3.79 -7.43
C VAL A 118 1.13 -2.48 -7.42
N TYR A 119 2.16 -2.41 -6.57
CA TYR A 119 2.95 -1.20 -6.38
C TYR A 119 4.41 -1.49 -6.70
N PHE A 120 4.91 -0.94 -7.80
CA PHE A 120 6.29 -1.15 -8.22
C PHE A 120 7.19 -0.04 -7.71
N GLU A 121 8.26 -0.42 -7.02
CA GLU A 121 9.22 0.52 -6.48
C GLU A 121 10.62 0.05 -6.85
N GLU A 122 11.29 0.79 -7.75
CA GLU A 122 12.62 0.41 -8.19
C GLU A 122 13.68 1.14 -7.37
N LEU A 123 13.71 0.81 -6.07
CA LEU A 123 14.67 1.38 -5.14
C LEU A 123 16.12 1.19 -5.61
N GLY A 124 16.41 0.09 -6.30
CA GLY A 124 17.76 -0.16 -6.77
C GLY A 124 18.26 0.93 -7.70
N ALA A 125 17.39 1.50 -8.51
CA ALA A 125 17.78 2.57 -9.42
C ALA A 125 17.85 3.94 -8.78
N VAL A 126 17.65 4.06 -7.47
CA VAL A 126 17.48 5.38 -6.87
C VAL A 126 18.72 6.25 -7.07
N ASN A 127 18.51 7.54 -7.15
CA ASN A 127 19.55 8.53 -7.41
C ASN A 127 19.11 9.78 -6.68
N LEU A 128 19.43 9.84 -5.39
CA LEU A 128 19.02 10.99 -4.59
C LEU A 128 19.88 12.21 -4.90
N HIS A 129 21.09 11.99 -5.38
CA HIS A 129 21.87 13.13 -5.84
C HIS A 129 21.08 13.94 -6.86
N GLU A 130 20.58 13.30 -7.92
CA GLU A 130 19.80 14.03 -8.90
C GLU A 130 18.49 14.50 -8.31
N MET A 131 17.84 13.64 -7.53
CA MET A 131 16.50 13.97 -7.05
C MET A 131 16.50 15.22 -6.21
N ASN A 132 17.53 15.42 -5.41
CA ASN A 132 17.55 16.57 -4.53
C ASN A 132 17.82 17.87 -5.27
N LYS A 133 18.20 17.80 -6.56
CA LYS A 133 18.36 19.04 -7.32
C LYS A 133 17.03 19.78 -7.49
N VAL A 134 15.90 19.07 -7.46
CA VAL A 134 14.62 19.69 -7.75
C VAL A 134 13.58 19.49 -6.64
N THR A 135 13.79 18.58 -5.69
CA THR A 135 12.80 18.32 -4.65
C THR A 135 13.50 17.94 -3.35
N SER A 136 12.71 17.90 -2.28
CA SER A 136 13.16 17.61 -0.93
C SER A 136 12.62 16.26 -0.45
N GLU A 137 13.24 15.76 0.63
CA GLU A 137 12.72 14.59 1.34
C GLU A 137 11.30 14.83 1.85
N GLU A 138 11.03 16.00 2.45
CA GLU A 138 9.68 16.25 2.97
C GLU A 138 8.62 16.27 1.87
N ARG A 139 8.99 16.66 0.66
CA ARG A 139 8.03 16.59 -0.44
C ARG A 139 7.80 15.14 -0.87
N MET A 140 8.90 14.40 -1.06
CA MET A 140 8.83 12.97 -1.34
C MET A 140 7.90 12.26 -0.37
N LEU A 141 8.00 12.59 0.92
CA LEU A 141 7.12 11.98 1.91
C LEU A 141 5.67 12.36 1.70
N LYS A 142 5.40 13.66 1.50
CA LYS A 142 4.05 14.14 1.16
C LYS A 142 3.47 13.34 0.01
N ASN A 143 4.23 13.22 -1.09
CA ASN A 143 3.78 12.42 -2.24
C ASN A 143 3.37 11.01 -1.83
N LEU A 144 4.16 10.38 -0.96
CA LEU A 144 3.77 9.03 -0.53
C LEU A 144 2.44 9.06 0.21
N VAL A 145 2.23 10.04 1.07
CA VAL A 145 0.93 10.11 1.75
C VAL A 145 -0.17 10.40 0.74
N TRP A 146 0.16 11.15 -0.30
CA TRP A 146 -0.80 11.37 -1.38
C TRP A 146 -1.13 10.04 -2.05
N GLU A 147 -0.12 9.29 -2.47
CA GLU A 147 -0.38 7.99 -3.07
C GLU A 147 -1.06 7.04 -2.08
N TYR A 148 -0.80 7.19 -0.78
CA TYR A 148 -1.49 6.33 0.16
C TYR A 148 -2.95 6.72 0.26
N GLU A 149 -3.22 7.99 0.53
CA GLU A 149 -4.61 8.44 0.59
C GLU A 149 -5.36 8.10 -0.70
N SER A 150 -4.69 8.27 -1.85
CA SER A 150 -5.29 7.88 -3.11
C SER A 150 -5.57 6.37 -3.18
N VAL A 151 -4.66 5.55 -2.63
CA VAL A 151 -4.92 4.12 -2.51
C VAL A 151 -6.17 3.88 -1.68
N VAL A 152 -6.30 4.60 -0.56
CA VAL A 152 -7.37 4.28 0.37
C VAL A 152 -8.73 4.77 -0.13
N GLN A 153 -8.78 5.97 -0.75
CA GLN A 153 -10.08 6.52 -1.15
C GLN A 153 -10.50 6.16 -2.57
N TYR A 154 -9.61 5.63 -3.40
CA TYR A 154 -9.97 5.32 -4.78
C TYR A 154 -9.53 3.92 -5.20
N ARG A 155 -8.25 3.57 -5.09
CA ARG A 155 -7.78 2.31 -5.67
C ARG A 155 -8.43 1.10 -5.02
N LEU A 156 -8.47 1.06 -3.69
CA LEU A 156 -9.05 -0.10 -3.01
C LEU A 156 -10.53 -0.28 -3.31
N PRO A 157 -11.40 0.74 -3.28
CA PRO A 157 -12.81 0.46 -3.60
C PRO A 157 -13.00 -0.13 -5.00
N ALA A 158 -12.27 0.38 -6.00
CA ALA A 158 -12.48 -0.13 -7.35
C ALA A 158 -11.89 -1.52 -7.50
N CYS A 159 -10.81 -1.80 -6.77
CA CYS A 159 -10.26 -3.15 -6.74
C CYS A 159 -11.22 -4.11 -6.05
N SER A 160 -11.83 -3.69 -4.94
CA SER A 160 -12.93 -4.46 -4.33
C SER A 160 -14.00 -4.81 -5.36
N ARG A 161 -14.48 -3.81 -6.09
CA ARG A 161 -15.55 -4.06 -7.05
C ARG A 161 -15.09 -5.00 -8.17
N ALA A 162 -13.86 -4.83 -8.64
CA ALA A 162 -13.41 -5.69 -9.72
C ALA A 162 -13.06 -7.09 -9.21
N ALA A 163 -12.69 -7.23 -7.93
CA ALA A 163 -12.33 -8.56 -7.42
C ALA A 163 -13.52 -9.34 -6.89
N GLY A 164 -14.67 -8.69 -6.73
CA GLY A 164 -15.81 -9.35 -6.13
C GLY A 164 -15.74 -9.47 -4.63
N HIS A 165 -14.63 -9.10 -4.02
CA HIS A 165 -14.53 -9.11 -2.55
C HIS A 165 -13.71 -7.90 -2.12
N LEU A 166 -13.93 -7.50 -0.87
CA LEU A 166 -13.14 -6.45 -0.25
C LEU A 166 -11.65 -6.68 -0.50
N VAL A 167 -10.96 -5.61 -0.85
CA VAL A 167 -9.51 -5.63 -1.00
C VAL A 167 -9.00 -4.51 -0.10
N GLU A 168 -8.17 -4.86 0.88
CA GLU A 168 -7.70 -3.96 1.92
C GLU A 168 -6.24 -3.59 1.79
N THR A 169 -5.50 -4.30 0.95
CA THR A 169 -4.05 -4.32 0.98
C THR A 169 -3.49 -4.22 -0.43
N SER A 170 -2.19 -4.01 -0.50
CA SER A 170 -1.50 -3.83 -1.76
C SER A 170 -0.35 -4.82 -1.89
N CYS A 171 0.10 -4.98 -3.12
CA CYS A 171 1.15 -5.92 -3.48
C CYS A 171 2.35 -5.13 -3.98
N THR A 172 3.34 -4.99 -3.11
CA THR A 172 4.54 -4.22 -3.38
C THR A 172 5.61 -5.11 -3.99
N ILE A 173 6.32 -4.56 -4.98
CA ILE A 173 7.40 -5.23 -5.70
C ILE A 173 8.56 -4.26 -5.74
N MET A 174 9.67 -4.62 -5.12
CA MET A 174 10.84 -3.77 -5.08
C MET A 174 11.95 -4.36 -5.95
N ASP A 175 12.38 -3.58 -6.94
CA ASP A 175 13.50 -3.95 -7.80
C ASP A 175 14.76 -3.37 -7.19
N LEU A 176 15.65 -4.25 -6.72
CA LEU A 176 16.93 -3.86 -6.16
C LEU A 176 18.05 -3.91 -7.17
N LYS A 177 17.75 -4.18 -8.43
CA LYS A 177 18.77 -4.10 -9.45
C LYS A 177 19.44 -2.73 -9.42
N GLY A 178 20.72 -2.71 -9.05
CA GLY A 178 21.49 -1.47 -9.00
C GLY A 178 21.79 -0.97 -7.60
N ILE A 179 21.18 -1.59 -6.58
CA ILE A 179 21.42 -1.19 -5.21
C ILE A 179 22.89 -1.33 -4.84
N SER A 180 23.31 -0.52 -3.88
CA SER A 180 24.66 -0.55 -3.35
C SER A 180 24.59 -0.25 -1.87
N ILE A 181 25.68 -0.56 -1.17
CA ILE A 181 25.80 -0.08 0.20
C ILE A 181 25.67 1.44 0.21
N SER A 182 26.30 2.09 -0.76
CA SER A 182 26.27 3.55 -0.84
C SER A 182 24.84 4.06 -0.93
N SER A 183 24.11 3.63 -1.96
CA SER A 183 22.73 4.04 -2.11
C SER A 183 21.91 3.75 -0.84
N ALA A 184 22.18 2.62 -0.18
CA ALA A 184 21.39 2.22 0.98
C ALA A 184 21.49 3.21 2.11
N TYR A 185 22.69 3.77 2.32
CA TYR A 185 22.83 4.79 3.32
C TYR A 185 22.13 6.07 2.90
N SER A 186 22.16 6.41 1.61
CA SER A 186 21.57 7.69 1.25
C SER A 186 20.05 7.66 1.28
N VAL A 187 19.43 6.48 1.16
CA VAL A 187 17.98 6.40 1.26
C VAL A 187 17.53 6.00 2.64
N MET A 188 18.46 5.81 3.58
CA MET A 188 18.08 5.32 4.89
C MET A 188 17.10 6.25 5.56
N SER A 189 17.46 7.53 5.65
CA SER A 189 16.56 8.56 6.17
C SER A 189 15.14 8.42 5.61
N TYR A 190 15.01 8.37 4.26
CA TYR A 190 13.67 8.37 3.66
C TYR A 190 12.91 7.11 4.02
N VAL A 191 13.59 5.95 3.92
CA VAL A 191 12.89 4.69 4.14
C VAL A 191 12.40 4.58 5.58
N ARG A 192 13.16 5.14 6.54
CA ARG A 192 12.71 5.11 7.94
C ARG A 192 11.44 5.90 8.14
N GLU A 193 11.38 7.09 7.56
CA GLU A 193 10.17 7.90 7.68
C GLU A 193 9.00 7.23 6.97
N ALA A 194 9.24 6.73 5.76
CA ALA A 194 8.16 6.07 5.03
C ALA A 194 7.60 4.88 5.81
N SER A 195 8.48 4.10 6.44
CA SER A 195 8.02 2.96 7.21
C SER A 195 7.20 3.39 8.41
N TYR A 196 7.64 4.43 9.12
CA TYR A 196 6.91 4.89 10.29
C TYR A 196 5.51 5.33 9.91
N ILE A 197 5.39 6.08 8.82
CA ILE A 197 4.08 6.43 8.29
C ILE A 197 3.31 5.16 7.96
N SER A 198 3.90 4.29 7.13
CA SER A 198 3.22 3.05 6.71
C SER A 198 2.68 2.28 7.91
N GLN A 199 3.57 1.88 8.82
CA GLN A 199 3.18 0.92 9.86
C GLN A 199 2.24 1.51 10.90
N ASN A 200 2.42 2.77 11.28
CA ASN A 200 1.64 3.33 12.38
C ASN A 200 0.44 4.16 11.95
N TYR A 201 0.42 4.67 10.73
CA TYR A 201 -0.77 5.38 10.25
C TYR A 201 -1.53 4.64 9.16
N TYR A 202 -0.98 3.57 8.60
CA TYR A 202 -1.69 2.73 7.63
C TYR A 202 -1.57 1.26 8.01
N PRO A 203 -2.05 0.86 9.20
CA PRO A 203 -1.88 -0.53 9.63
C PRO A 203 -2.43 -1.51 8.62
N GLU A 204 -1.72 -2.64 8.49
CA GLU A 204 -2.22 -3.81 7.77
C GLU A 204 -2.58 -3.52 6.32
N ARG A 205 -1.86 -2.59 5.69
CA ARG A 205 -2.09 -2.32 4.28
C ARG A 205 -1.10 -3.05 3.39
N MET A 206 -0.11 -3.73 3.95
CA MET A 206 0.85 -4.50 3.16
C MET A 206 0.33 -5.93 3.00
N GLY A 207 -0.08 -6.26 1.78
CA GLY A 207 -0.61 -7.58 1.53
C GLY A 207 0.45 -8.51 1.00
N LYS A 208 1.42 -7.98 0.25
CA LYS A 208 2.50 -8.80 -0.28
C LYS A 208 3.70 -7.90 -0.51
N PHE A 209 4.88 -8.48 -0.31
CA PHE A 209 6.13 -7.76 -0.47
C PHE A 209 7.15 -8.64 -1.18
N TYR A 210 7.43 -8.31 -2.44
CA TYR A 210 8.36 -9.02 -3.29
C TYR A 210 9.62 -8.17 -3.43
N ILE A 211 10.77 -8.75 -3.15
CA ILE A 211 12.06 -8.15 -3.46
C ILE A 211 12.64 -8.99 -4.58
N ILE A 212 13.00 -8.35 -5.68
CA ILE A 212 13.51 -9.02 -6.86
C ILE A 212 14.88 -8.42 -7.17
N ASN A 213 15.67 -9.18 -7.94
CA ASN A 213 17.06 -8.82 -8.21
C ASN A 213 17.84 -8.49 -6.93
N ALA A 214 17.57 -9.24 -5.86
CA ALA A 214 18.34 -9.01 -4.62
C ALA A 214 19.75 -9.57 -4.77
N PRO A 215 20.77 -8.93 -4.18
CA PRO A 215 22.13 -9.48 -4.29
C PRO A 215 22.13 -10.94 -3.85
N PHE A 216 23.08 -11.71 -4.40
CA PHE A 216 23.03 -13.17 -4.23
C PHE A 216 23.12 -13.57 -2.76
N GLY A 217 24.04 -12.97 -2.00
CA GLY A 217 24.11 -13.22 -0.59
C GLY A 217 22.78 -13.03 0.13
N PHE A 218 22.24 -11.80 0.03
CA PHE A 218 21.08 -11.35 0.80
C PHE A 218 19.94 -12.39 0.89
N SER A 219 19.54 -12.95 -0.24
CA SER A 219 18.45 -13.92 -0.24
C SER A 219 18.73 -15.12 0.65
N THR A 220 19.96 -15.65 0.59
CA THR A 220 20.37 -16.75 1.45
C THR A 220 20.29 -16.37 2.92
N ALA A 221 20.84 -15.20 3.27
CA ALA A 221 20.89 -14.79 4.67
C ALA A 221 19.49 -14.69 5.25
N PHE A 222 18.54 -14.24 4.45
CA PHE A 222 17.20 -14.05 4.98
C PHE A 222 16.53 -15.38 5.29
N ARG A 223 16.80 -16.41 4.49
CA ARG A 223 16.19 -17.69 4.77
C ARG A 223 16.63 -18.29 6.11
N LEU A 224 17.84 -17.98 6.56
CA LEU A 224 18.27 -18.48 7.90
C LEU A 224 17.71 -17.61 9.02
N PHE A 225 17.66 -16.29 8.84
CA PHE A 225 17.14 -15.32 9.84
C PHE A 225 15.63 -15.40 9.94
N LYS A 226 14.97 -16.05 8.99
CA LYS A 226 13.48 -16.11 8.94
C LYS A 226 12.82 -16.27 10.30
N PRO A 227 13.22 -17.19 11.20
CA PRO A 227 12.61 -17.26 12.52
C PRO A 227 12.42 -15.98 13.35
N PHE A 228 13.05 -14.87 12.98
CA PHE A 228 12.98 -13.64 13.81
C PHE A 228 11.67 -12.91 13.55
N LEU A 229 11.26 -12.86 12.30
CA LEU A 229 9.99 -12.18 11.93
C LEU A 229 8.78 -13.06 12.29
N ASP A 230 7.61 -12.46 12.45
CA ASP A 230 6.36 -13.22 12.73
C ASP A 230 6.12 -14.17 11.58
N PRO A 231 5.61 -15.39 11.80
CA PRO A 231 5.28 -16.26 10.69
C PRO A 231 4.32 -15.66 9.66
N VAL A 232 3.43 -14.78 10.09
CA VAL A 232 2.50 -14.11 9.12
C VAL A 232 3.35 -13.20 8.23
N THR A 233 4.14 -12.33 8.83
CA THR A 233 5.03 -11.47 8.05
C THR A 233 6.21 -12.30 7.58
N VAL A 234 5.95 -13.27 6.71
CA VAL A 234 7.00 -14.14 6.12
C VAL A 234 6.25 -14.81 4.99
N SER A 235 4.93 -14.85 5.14
CA SER A 235 4.07 -15.41 4.08
C SER A 235 3.87 -14.29 3.08
N LYS A 236 3.99 -13.05 3.55
CA LYS A 236 3.88 -11.89 2.65
C LYS A 236 5.25 -11.63 2.02
N ILE A 237 6.33 -11.83 2.77
CA ILE A 237 7.68 -11.49 2.24
C ILE A 237 8.20 -12.57 1.30
N PHE A 238 8.79 -12.15 0.19
CA PHE A 238 9.37 -13.07 -0.80
C PHE A 238 10.67 -12.38 -1.23
N ILE A 239 11.79 -13.09 -1.35
CA ILE A 239 13.07 -12.43 -1.61
C ILE A 239 13.74 -13.19 -2.74
N LEU A 240 13.79 -12.60 -3.92
CA LEU A 240 14.22 -13.23 -5.17
C LEU A 240 15.43 -12.53 -5.76
N GLY A 241 15.96 -13.14 -6.83
CA GLY A 241 17.21 -12.73 -7.42
C GLY A 241 17.07 -12.53 -8.91
N SER A 242 18.18 -12.65 -9.67
CA SER A 242 18.19 -12.46 -11.12
C SER A 242 16.96 -13.03 -11.83
N SER A 243 16.58 -14.28 -11.50
CA SER A 243 15.47 -14.99 -12.14
C SER A 243 14.25 -14.90 -11.22
N TYR A 244 13.42 -13.89 -11.49
CA TYR A 244 12.24 -13.59 -10.71
C TYR A 244 10.97 -13.74 -11.52
N GLN A 245 11.09 -13.92 -12.84
CA GLN A 245 9.99 -13.67 -13.76
C GLN A 245 8.74 -14.46 -13.40
N LYS A 246 8.81 -15.79 -13.48
CA LYS A 246 7.59 -16.57 -13.32
C LYS A 246 7.24 -16.89 -11.87
N GLU A 247 8.07 -16.53 -10.89
CA GLU A 247 7.58 -16.47 -9.52
C GLU A 247 6.62 -15.30 -9.33
N LEU A 248 6.91 -14.18 -10.01
CA LEU A 248 5.94 -13.09 -10.07
C LEU A 248 4.69 -13.55 -10.80
N LEU A 249 4.85 -14.15 -11.99
CA LEU A 249 3.70 -14.57 -12.77
C LEU A 249 2.82 -15.55 -12.02
N LYS A 250 3.23 -16.03 -10.84
CA LYS A 250 2.34 -16.92 -10.11
C LYS A 250 1.37 -16.13 -9.25
N GLN A 251 1.70 -14.87 -8.92
CA GLN A 251 0.74 -14.06 -8.20
C GLN A 251 0.18 -12.90 -9.03
N ILE A 252 0.81 -12.56 -10.15
CA ILE A 252 0.25 -11.53 -10.98
C ILE A 252 0.09 -12.11 -12.38
N PRO A 253 -1.05 -11.89 -13.03
CA PRO A 253 -1.24 -12.37 -14.40
C PRO A 253 -0.29 -11.69 -15.39
N ALA A 254 0.02 -12.40 -16.48
CA ALA A 254 0.92 -11.81 -17.48
C ALA A 254 0.29 -10.59 -18.11
N GLU A 255 -1.03 -10.51 -18.09
CA GLU A 255 -1.76 -9.39 -18.72
C GLU A 255 -1.67 -8.13 -17.86
N ASN A 256 -1.47 -8.32 -16.55
CA ASN A 256 -1.36 -7.28 -15.54
C ASN A 256 0.08 -6.97 -15.15
N LEU A 257 1.03 -7.88 -15.45
CA LEU A 257 2.43 -7.64 -15.12
C LEU A 257 3.12 -6.88 -16.24
N PRO A 258 3.85 -5.80 -15.94
CA PRO A 258 4.57 -5.08 -17.00
C PRO A 258 5.56 -5.98 -17.73
N VAL A 259 5.81 -5.63 -18.99
CA VAL A 259 6.63 -6.47 -19.86
C VAL A 259 8.05 -6.60 -19.31
N LYS A 260 8.64 -5.48 -18.87
CA LYS A 260 10.01 -5.50 -18.36
C LYS A 260 10.20 -6.51 -17.24
N PHE A 261 9.14 -6.84 -16.49
CA PHE A 261 9.25 -7.87 -15.46
C PHE A 261 8.75 -9.22 -15.95
N GLY A 262 8.71 -9.42 -17.26
CA GLY A 262 8.33 -10.69 -17.83
C GLY A 262 6.90 -10.76 -18.36
N GLY A 263 5.97 -10.00 -17.79
CA GLY A 263 4.62 -10.02 -18.29
C GLY A 263 4.50 -9.47 -19.70
N LYS A 264 3.25 -9.12 -20.05
CA LYS A 264 2.89 -8.61 -21.35
C LYS A 264 2.09 -7.31 -21.30
N SER A 265 1.59 -6.91 -20.14
CA SER A 265 1.06 -5.55 -20.01
C SER A 265 2.07 -4.55 -20.52
N GLU A 266 1.58 -3.57 -21.30
CA GLU A 266 2.43 -2.50 -21.78
C GLU A 266 1.69 -1.17 -21.72
N VAL A 267 2.49 -0.10 -21.65
CA VAL A 267 2.07 1.29 -21.53
C VAL A 267 2.65 2.08 -22.73
N ASP A 268 1.92 3.11 -23.15
CA ASP A 268 2.32 3.93 -24.30
C ASP A 268 3.45 4.87 -23.87
N GLU A 269 4.65 4.66 -24.45
CA GLU A 269 5.85 5.42 -24.06
C GLU A 269 5.75 6.89 -24.41
N SER A 270 4.92 7.25 -25.39
CA SER A 270 4.79 8.63 -25.80
C SER A 270 4.06 9.49 -24.76
N LYS A 271 3.25 8.87 -23.91
CA LYS A 271 2.48 9.60 -22.91
C LYS A 271 3.15 9.57 -21.53
N GLY A 272 4.47 9.34 -21.50
CA GLY A 272 5.22 9.33 -20.26
C GLY A 272 5.73 7.97 -19.83
N GLY A 273 5.42 6.91 -20.58
CA GLY A 273 5.90 5.58 -20.25
C GLY A 273 5.36 5.05 -18.92
N LEU A 274 5.97 3.95 -18.49
CA LEU A 274 5.50 3.27 -17.28
C LEU A 274 5.61 4.18 -16.07
N TYR A 275 6.72 4.91 -15.93
CA TYR A 275 7.01 5.60 -14.68
C TYR A 275 5.96 6.64 -14.35
N LEU A 276 5.25 7.15 -15.35
CA LEU A 276 4.25 8.18 -15.15
C LEU A 276 2.81 7.68 -15.28
N SER A 277 2.60 6.38 -15.53
CA SER A 277 1.26 5.81 -15.65
C SER A 277 0.57 5.70 -14.29
N ASP A 278 -0.72 5.34 -14.33
CA ASP A 278 -1.49 4.95 -13.14
C ASP A 278 -2.69 4.07 -13.51
N ILE A 279 -2.50 3.12 -14.44
CA ILE A 279 -3.58 2.25 -14.92
C ILE A 279 -4.06 1.23 -13.89
N GLY A 280 -5.37 0.95 -13.91
CA GLY A 280 -5.97 -0.01 -13.00
C GLY A 280 -7.48 0.11 -12.93
N PRO A 281 -8.12 -0.81 -12.19
CA PRO A 281 -9.58 -0.76 -12.08
C PRO A 281 -10.11 0.57 -11.59
N TRP A 282 -9.32 1.32 -10.83
CA TRP A 282 -9.70 2.65 -10.35
C TRP A 282 -9.71 3.73 -11.45
N ARG A 283 -9.30 3.38 -12.68
CA ARG A 283 -9.46 4.24 -13.84
C ARG A 283 -10.40 3.61 -14.86
N ASP A 284 -11.29 2.74 -14.39
CA ASP A 284 -12.18 1.99 -15.26
C ASP A 284 -13.63 2.32 -14.88
N PRO A 285 -14.43 2.83 -15.83
CA PRO A 285 -15.87 3.04 -15.59
C PRO A 285 -16.59 1.88 -14.93
N LYS A 286 -16.26 0.64 -15.31
CA LYS A 286 -16.92 -0.52 -14.70
C LYS A 286 -16.82 -0.47 -13.17
N TYR A 287 -15.77 0.15 -12.64
CA TYR A 287 -15.43 -0.01 -11.23
C TYR A 287 -15.23 1.29 -10.45
N ILE A 288 -15.22 2.45 -11.11
CA ILE A 288 -15.26 3.72 -10.40
C ILE A 288 -16.65 3.94 -9.84
N GLY A 289 -16.73 4.29 -8.56
CA GLY A 289 -18.01 4.37 -7.85
C GLY A 289 -18.44 5.79 -7.52
N PRO A 290 -19.27 5.94 -6.46
CA PRO A 290 -19.79 7.26 -6.07
C PRO A 290 -18.75 8.23 -5.57
N GLU A 291 -17.48 7.84 -5.64
CA GLU A 291 -16.39 8.68 -5.17
C GLU A 291 -15.72 9.42 -6.32
N GLY A 292 -16.10 9.12 -7.55
CA GLY A 292 -15.44 9.66 -8.71
C GLY A 292 -14.13 8.94 -8.97
N GLU A 293 -13.48 9.34 -10.05
CA GLU A 293 -12.15 8.82 -10.38
C GLU A 293 -11.08 9.59 -9.59
N ALA A 294 -9.96 8.92 -9.36
CA ALA A 294 -8.87 9.45 -8.56
C ALA A 294 -8.11 10.56 -9.31
N PRO A 295 -7.45 11.47 -8.57
CA PRO A 295 -6.64 12.52 -9.22
C PRO A 295 -5.37 11.98 -9.87
N GLU A 296 -4.44 12.85 -10.27
CA GLU A 296 -3.22 12.42 -10.98
C GLU A 296 -1.91 13.12 -10.53
#